data_5YQZ
#
_entry.id   5YQZ
#
_cell.length_a   60.120
_cell.length_b   108.790
_cell.length_c   216.250
_cell.angle_alpha   90.00
_cell.angle_beta   90.00
_cell.angle_gamma   90.00
#
_symmetry.space_group_name_H-M   'P 21 21 21'
#
loop_
_entity.id
_entity.type
_entity.pdbx_description
1 polymer 'Glucagon receptor,Endolysin,Glucagon receptor'
2 polymer 'Glucagon analogue'
3 branched 2-acetamido-2-deoxy-beta-D-glucopyranose-(1-4)-2-acetamido-2-deoxy-beta-D-glucopyranose
4 non-polymer '(2R)-2,3-dihydroxypropyl (9Z)-octadec-9-enoate'
5 non-polymer 'PHOSPHATE ION'
#
loop_
_entity_poly.entity_id
_entity_poly.type
_entity_poly.pdbx_seq_one_letter_code
_entity_poly.pdbx_strand_id
1 'polypeptide(L)'
;GAPQVMDFLFEKWKLYGDQCHHNLSLLPPPTELVCNRTFDKYSCWPDTPANTTANISCPWYLPWHHKVQHRFVFKRCGPD
GQWVRGPRGQPWRDASQCQMDGEEIEVQKEVAKMYSSFQVMYTVGYSLSLGALLLALAILGGLSKLHCTANAIHANLFAS
FVLKASSVLVIDGLLRTRYSQKIGDDLSVSTWLSDGAVAGCRVAAVFMQYGIVANYCWLLVEGLYLHNLLGLATNIFEML
RIDEGLRLKIYKDTEGYYTIGIGHLLTKSPSLNAAKSELDKAIGRNTNGVITKDEAEKLFNQDVDAAVRGILRNAKLKPV
YDSLDAVRRAALINMVFQMGETGVAGFTNSLRMLQQKRWDEAAVNLAKSRWYNQTPNRAKRVITTFRTGTWDAYERSFFS
LYLGIGWGAPMLFVVPWAVVKCLFENVQCWTSNDNMGFWWILRFPVFLAILINFFIFVRIVQLLVAKLRARQMHHTDYKF
RLAKSTLTLIPLLGVHEVVFAFVTDEHAQGTLRSAKLFFDLFLSSFQGLLVAVLYCFLNKEVQSELRRRWHRWRLGKVLW
EERNTSNEFLEVLFQ
;
R
2 'polypeptide(L)' SQGTFTSEYSKYLDSRRAQDFVKWLLNT P
#
# COMPACT_ATOMS: atom_id res chain seq x y z
N GLN A 4 0.57 12.17 27.08
CA GLN A 4 -0.15 12.40 28.33
C GLN A 4 0.71 13.02 29.47
N VAL A 5 2.00 13.35 29.23
CA VAL A 5 2.91 13.98 30.24
C VAL A 5 2.57 15.47 30.41
N MET A 6 2.37 16.18 29.28
CA MET A 6 1.98 17.59 29.24
C MET A 6 0.57 17.75 29.86
N ASP A 7 -0.33 16.80 29.59
CA ASP A 7 -1.70 16.76 30.08
C ASP A 7 -1.74 16.50 31.59
N PHE A 8 -0.91 15.55 32.07
CA PHE A 8 -0.79 15.15 33.47
C PHE A 8 -0.22 16.30 34.31
N LEU A 9 0.88 16.92 33.83
CA LEU A 9 1.55 18.06 34.47
C LEU A 9 0.65 19.29 34.60
N PHE A 10 -0.08 19.69 33.53
CA PHE A 10 -0.97 20.86 33.57
C PHE A 10 -2.14 20.66 34.52
N GLU A 11 -2.62 19.41 34.65
CA GLU A 11 -3.70 19.06 35.55
C GLU A 11 -3.18 19.09 36.98
N LYS A 12 -1.98 18.49 37.22
CA LYS A 12 -1.31 18.43 38.51
C LYS A 12 -0.86 19.80 39.02
N TRP A 13 -0.48 20.72 38.10
CA TRP A 13 -0.05 22.07 38.46
C TRP A 13 -1.25 22.93 38.81
N LYS A 14 -2.38 22.72 38.10
CA LYS A 14 -3.62 23.43 38.40
C LYS A 14 -4.12 23.00 39.78
N LEU A 15 -3.92 21.71 40.13
CA LEU A 15 -4.27 21.09 41.40
C LEU A 15 -3.41 21.68 42.50
N TYR A 16 -2.10 21.87 42.23
CA TYR A 16 -1.14 22.48 43.15
C TYR A 16 -1.57 23.91 43.39
N GLY A 17 -1.85 24.64 42.30
CA GLY A 17 -2.34 26.02 42.32
C GLY A 17 -3.60 26.21 43.15
N ASP A 18 -4.56 25.27 43.03
CA ASP A 18 -5.82 25.28 43.77
C ASP A 18 -5.59 24.99 45.26
N GLN A 19 -4.95 23.85 45.59
CA GLN A 19 -4.72 23.42 46.96
C GLN A 19 -3.59 24.21 47.67
N CYS A 20 -2.88 25.08 46.93
CA CYS A 20 -1.84 25.96 47.50
C CYS A 20 -2.58 27.12 48.17
N HIS A 21 -3.57 27.70 47.46
CA HIS A 21 -4.41 28.79 47.96
C HIS A 21 -5.22 28.39 49.19
N HIS A 22 -5.70 27.14 49.24
CA HIS A 22 -6.45 26.60 50.38
C HIS A 22 -5.53 26.43 51.58
N ASN A 23 -4.37 25.76 51.37
CA ASN A 23 -3.33 25.52 52.38
C ASN A 23 -2.85 26.84 53.00
N LEU A 24 -2.81 27.93 52.21
CA LEU A 24 -2.40 29.28 52.64
C LEU A 24 -3.49 29.99 53.44
N SER A 25 -4.76 29.79 53.06
CA SER A 25 -5.93 30.39 53.73
C SER A 25 -5.99 30.00 55.22
N LEU A 26 -5.76 28.72 55.54
CA LEU A 26 -5.79 28.15 56.90
C LEU A 26 -4.60 28.55 57.80
N LEU A 27 -3.66 29.38 57.30
CA LEU A 27 -2.51 29.84 58.07
C LEU A 27 -2.86 30.99 59.04
N PRO A 28 -2.28 31.01 60.27
CA PRO A 28 -2.62 32.09 61.22
C PRO A 28 -2.01 33.45 60.89
N PRO A 29 -2.62 34.58 61.34
CA PRO A 29 -2.04 35.90 61.06
C PRO A 29 -0.72 36.12 61.81
N PRO A 30 0.16 36.97 61.26
CA PRO A 30 1.52 37.07 61.80
C PRO A 30 1.61 37.83 63.12
N THR A 31 2.79 37.79 63.76
CA THR A 31 3.11 38.45 65.02
C THR A 31 4.40 39.28 64.90
N GLU A 32 5.14 39.13 63.77
CA GLU A 32 6.39 39.83 63.47
C GLU A 32 6.42 40.34 62.01
N LEU A 33 7.56 40.96 61.58
CA LEU A 33 7.74 41.43 60.20
C LEU A 33 7.89 40.19 59.34
N VAL A 34 6.96 40.02 58.39
CA VAL A 34 6.88 38.84 57.57
C VAL A 34 6.64 39.16 56.08
N CYS A 35 7.08 38.24 55.20
CA CYS A 35 6.86 38.26 53.75
C CYS A 35 5.57 37.47 53.60
N ASN A 36 4.44 38.15 53.25
CA ASN A 36 3.11 37.52 53.19
C ASN A 36 3.04 36.35 52.20
N ARG A 37 2.22 35.36 52.60
CA ARG A 37 1.91 34.13 51.89
C ARG A 37 1.72 34.40 50.41
N THR A 38 2.39 33.60 49.56
CA THR A 38 2.33 33.76 48.11
C THR A 38 2.41 32.43 47.35
N PHE A 39 1.96 32.48 46.09
CA PHE A 39 2.08 31.44 45.09
C PHE A 39 2.61 32.22 43.91
N ASP A 40 3.93 32.14 43.75
CA ASP A 40 4.73 32.80 42.70
C ASP A 40 4.66 32.00 41.38
N LYS A 41 3.49 31.37 41.12
CA LYS A 41 3.13 30.48 39.99
C LYS A 41 4.02 29.24 39.88
N TYR A 42 5.04 29.11 40.73
CA TYR A 42 5.92 27.94 40.70
C TYR A 42 5.78 27.12 41.94
N SER A 43 5.78 27.75 43.12
CA SER A 43 5.65 27.05 44.41
C SER A 43 4.84 27.86 45.43
N CYS A 44 4.49 27.17 46.53
CA CYS A 44 3.67 27.73 47.59
C CYS A 44 4.55 28.17 48.73
N TRP A 45 4.51 29.48 49.03
CA TRP A 45 5.30 30.09 50.10
C TRP A 45 4.42 30.59 51.27
N PRO A 46 4.80 30.27 52.54
CA PRO A 46 3.99 30.76 53.67
C PRO A 46 4.48 32.13 54.16
N ASP A 47 4.07 32.54 55.37
CA ASP A 47 4.54 33.79 55.97
C ASP A 47 5.99 33.57 56.41
N THR A 48 6.94 34.29 55.81
CA THR A 48 8.37 34.13 56.10
C THR A 48 8.97 35.35 56.80
N PRO A 49 9.56 35.18 58.01
CA PRO A 49 10.16 36.33 58.72
C PRO A 49 11.33 36.94 57.96
N ALA A 50 11.51 38.29 58.07
CA ALA A 50 12.54 39.08 57.39
C ALA A 50 13.97 38.52 57.51
N ASN A 51 14.83 38.83 56.52
CA ASN A 51 16.22 38.39 56.38
C ASN A 51 16.34 36.88 56.04
N THR A 52 15.68 36.00 56.83
CA THR A 52 15.69 34.53 56.67
C THR A 52 15.21 34.04 55.30
N THR A 53 15.85 32.97 54.78
CA THR A 53 15.53 32.31 53.52
C THR A 53 14.64 31.11 53.78
N ALA A 54 13.49 31.05 53.10
CA ALA A 54 12.52 29.97 53.22
C ALA A 54 12.88 28.80 52.31
N ASN A 55 12.54 27.59 52.76
CA ASN A 55 12.81 26.37 52.02
C ASN A 55 11.67 25.34 52.08
N ILE A 56 11.14 25.00 50.90
CA ILE A 56 10.04 24.04 50.75
C ILE A 56 10.47 22.95 49.77
N SER A 57 9.86 21.75 49.86
CA SER A 57 10.22 20.63 48.97
C SER A 57 9.69 20.86 47.54
N CYS A 58 10.43 20.34 46.53
CA CYS A 58 10.13 20.46 45.09
C CYS A 58 8.65 20.22 44.77
N PRO A 59 8.02 21.04 43.88
CA PRO A 59 6.59 20.85 43.60
C PRO A 59 6.25 19.50 42.98
N TRP A 60 5.33 18.75 43.61
CA TRP A 60 4.91 17.41 43.21
C TRP A 60 4.31 17.31 41.80
N TYR A 61 3.89 18.45 41.20
CA TYR A 61 3.33 18.45 39.84
C TYR A 61 4.36 18.14 38.75
N LEU A 62 5.67 18.33 39.06
CA LEU A 62 6.80 18.10 38.16
C LEU A 62 6.85 16.66 37.65
N PRO A 63 7.13 16.44 36.34
CA PRO A 63 7.21 15.06 35.82
C PRO A 63 8.34 14.24 36.42
N TRP A 64 9.47 14.90 36.72
CA TRP A 64 10.66 14.28 37.31
C TRP A 64 10.67 14.44 38.83
N HIS A 65 9.48 14.56 39.45
CA HIS A 65 9.36 14.72 40.90
C HIS A 65 9.89 13.52 41.66
N HIS A 66 9.61 12.29 41.16
CA HIS A 66 10.04 11.00 41.74
C HIS A 66 11.52 10.98 42.14
N LYS A 67 12.39 11.56 41.29
CA LYS A 67 13.83 11.65 41.49
C LYS A 67 14.26 12.78 42.43
N VAL A 68 13.76 14.02 42.16
CA VAL A 68 14.09 15.25 42.88
C VAL A 68 13.30 15.44 44.22
N GLN A 69 12.47 14.43 44.58
CA GLN A 69 11.59 14.32 45.75
C GLN A 69 12.12 14.90 47.07
N HIS A 70 13.38 14.60 47.43
CA HIS A 70 13.99 14.98 48.71
C HIS A 70 14.69 16.35 48.70
N ARG A 71 14.97 16.91 47.52
CA ARG A 71 15.62 18.22 47.37
C ARG A 71 14.68 19.40 47.72
N PHE A 72 15.18 20.65 47.70
CA PHE A 72 14.37 21.82 48.07
C PHE A 72 14.51 23.05 47.17
N VAL A 73 13.48 23.90 47.17
CA VAL A 73 13.43 25.18 46.46
C VAL A 73 13.53 26.29 47.54
N PHE A 74 14.40 27.29 47.31
CA PHE A 74 14.63 28.39 48.24
C PHE A 74 14.10 29.73 47.73
N LYS A 75 13.80 30.63 48.66
CA LYS A 75 13.32 31.99 48.38
C LYS A 75 13.69 32.88 49.56
N ARG A 76 14.39 33.99 49.27
CA ARG A 76 14.85 34.94 50.27
C ARG A 76 13.83 36.04 50.51
N CYS A 77 13.57 36.33 51.77
CA CYS A 77 12.68 37.39 52.21
C CYS A 77 13.57 38.58 52.58
N GLY A 78 13.36 39.71 51.89
CA GLY A 78 14.12 40.94 52.11
C GLY A 78 14.02 41.48 53.53
N PRO A 79 15.00 42.30 54.00
CA PRO A 79 14.89 42.84 55.36
C PRO A 79 13.80 43.90 55.49
N ASP A 80 13.31 44.42 54.34
CA ASP A 80 12.26 45.42 54.24
C ASP A 80 10.84 44.88 54.44
N GLY A 81 10.69 43.56 54.48
CA GLY A 81 9.39 42.91 54.65
C GLY A 81 8.82 42.29 53.38
N GLN A 82 9.24 42.78 52.19
CA GLN A 82 8.80 42.23 50.90
C GLN A 82 9.92 41.33 50.32
N TRP A 83 9.52 40.18 49.73
CA TRP A 83 10.33 39.14 49.09
C TRP A 83 11.38 39.70 48.15
N VAL A 84 12.52 38.99 48.03
CA VAL A 84 13.59 39.41 47.12
C VAL A 84 13.13 39.20 45.67
N ARG A 85 13.07 40.29 44.91
CA ARG A 85 12.64 40.29 43.52
C ARG A 85 13.83 40.07 42.57
N GLY A 86 13.53 39.70 41.32
CA GLY A 86 14.52 39.39 40.29
C GLY A 86 15.24 40.59 39.69
N PRO A 87 15.80 40.44 38.46
CA PRO A 87 16.52 41.57 37.84
C PRO A 87 15.59 42.64 37.29
N ARG A 88 14.49 42.22 36.64
CA ARG A 88 13.47 43.10 36.07
C ARG A 88 12.24 43.18 37.02
N GLY A 89 12.49 43.06 38.32
CA GLY A 89 11.49 43.10 39.39
C GLY A 89 10.46 42.00 39.30
N GLN A 90 10.89 40.82 38.85
CA GLN A 90 10.06 39.64 38.62
C GLN A 90 10.10 38.65 39.79
N PRO A 91 9.06 37.79 39.98
CA PRO A 91 9.11 36.80 41.07
C PRO A 91 10.34 35.89 40.91
N TRP A 92 11.23 35.94 41.91
CA TRP A 92 12.49 35.20 41.92
C TRP A 92 12.56 34.16 43.02
N ARG A 93 13.18 33.00 42.71
CA ARG A 93 13.41 31.87 43.63
C ARG A 93 14.56 30.96 43.12
N ASP A 94 15.17 30.17 44.03
CA ASP A 94 16.25 29.23 43.73
C ASP A 94 15.76 27.76 43.61
N ALA A 95 15.19 27.43 42.45
CA ALA A 95 14.70 26.10 42.12
C ALA A 95 15.74 25.42 41.22
N SER A 96 17.02 25.73 41.48
CA SER A 96 18.18 25.20 40.77
C SER A 96 18.34 23.71 41.08
N GLN A 97 18.07 23.32 42.34
CA GLN A 97 18.15 21.92 42.77
C GLN A 97 16.79 21.20 42.63
N CYS A 98 15.84 21.82 41.90
CA CYS A 98 14.51 21.26 41.56
C CYS A 98 14.48 20.92 40.06
N GLN A 99 15.53 21.33 39.31
CA GLN A 99 15.71 21.12 37.87
C GLN A 99 16.05 19.66 37.57
N MET A 100 15.69 19.19 36.36
CA MET A 100 15.97 17.82 35.93
C MET A 100 17.48 17.63 35.64
N ASP A 101 17.98 16.39 35.80
CA ASP A 101 19.38 15.99 35.65
C ASP A 101 20.06 16.56 34.41
N GLY A 102 21.21 17.21 34.63
CA GLY A 102 22.04 17.84 33.60
C GLY A 102 22.45 16.89 32.48
N GLU A 103 22.58 15.59 32.83
CA GLU A 103 22.93 14.49 31.93
C GLU A 103 21.79 14.19 30.94
N GLU A 104 20.54 14.27 31.41
CA GLU A 104 19.35 14.02 30.60
C GLU A 104 19.12 15.10 29.55
N ILE A 105 19.38 16.39 29.90
CA ILE A 105 19.22 17.55 29.02
C ILE A 105 20.12 17.44 27.78
N GLU A 106 21.36 16.97 27.97
CA GLU A 106 22.33 16.77 26.90
C GLU A 106 21.94 15.56 26.02
N VAL A 107 21.46 14.45 26.65
CA VAL A 107 20.99 13.21 26.00
C VAL A 107 19.75 13.52 25.13
N GLN A 108 18.84 14.35 25.66
CA GLN A 108 17.63 14.80 24.96
C GLN A 108 18.00 15.65 23.76
N LYS A 109 19.07 16.47 23.86
CA LYS A 109 19.54 17.32 22.76
C LYS A 109 20.09 16.45 21.61
N GLU A 110 20.65 15.27 21.96
CA GLU A 110 21.20 14.26 21.04
C GLU A 110 20.08 13.50 20.33
N VAL A 111 18.99 13.13 21.06
CA VAL A 111 17.86 12.42 20.47
C VAL A 111 17.08 13.34 19.50
N ALA A 112 17.08 14.67 19.78
CA ALA A 112 16.45 15.71 18.96
C ALA A 112 17.12 15.77 17.57
N LYS A 113 18.46 15.63 17.53
CA LYS A 113 19.24 15.65 16.32
C LYS A 113 18.98 14.41 15.47
N MET A 114 18.96 13.20 16.09
CA MET A 114 18.73 11.95 15.36
C MET A 114 17.28 11.83 14.87
N TYR A 115 16.29 12.31 15.63
CA TYR A 115 14.89 12.28 15.19
C TYR A 115 14.68 13.13 13.97
N SER A 116 15.40 14.27 13.87
CA SER A 116 15.32 15.17 12.73
C SER A 116 16.10 14.60 11.56
N SER A 117 17.27 13.98 11.83
CA SER A 117 18.16 13.36 10.84
C SER A 117 17.50 12.15 10.19
N PHE A 118 16.85 11.31 11.01
CA PHE A 118 16.16 10.12 10.55
C PHE A 118 14.91 10.50 9.76
N GLN A 119 14.23 11.59 10.17
CA GLN A 119 13.01 12.11 9.53
C GLN A 119 13.27 12.49 8.08
N VAL A 120 14.31 13.33 7.81
CA VAL A 120 14.66 13.74 6.44
C VAL A 120 14.96 12.54 5.53
N MET A 121 15.61 11.51 6.10
CA MET A 121 16.00 10.30 5.38
C MET A 121 14.81 9.47 4.94
N TYR A 122 13.90 9.11 5.88
CA TYR A 122 12.73 8.31 5.51
C TYR A 122 11.71 9.13 4.74
N THR A 123 11.61 10.48 5.00
CA THR A 123 10.73 11.37 4.26
C THR A 123 11.12 11.35 2.77
N VAL A 124 12.42 11.27 2.49
CA VAL A 124 12.94 11.17 1.13
C VAL A 124 12.48 9.84 0.51
N GLY A 125 12.70 8.73 1.24
CA GLY A 125 12.32 7.37 0.84
C GLY A 125 10.84 7.24 0.53
N TYR A 126 9.99 7.74 1.46
CA TYR A 126 8.54 7.78 1.32
C TYR A 126 8.10 8.70 0.18
N SER A 127 8.81 9.85 -0.03
CA SER A 127 8.51 10.82 -1.08
C SER A 127 8.76 10.26 -2.46
N LEU A 128 9.91 9.64 -2.65
CA LEU A 128 10.26 9.08 -3.94
C LEU A 128 9.44 7.81 -4.24
N SER A 129 9.12 7.01 -3.20
CA SER A 129 8.32 5.80 -3.42
C SER A 129 6.87 6.16 -3.74
N LEU A 130 6.38 7.29 -3.17
CA LEU A 130 5.05 7.86 -3.43
C LEU A 130 5.02 8.55 -4.81
N GLY A 131 6.10 9.25 -5.14
CA GLY A 131 6.27 9.93 -6.42
C GLY A 131 6.18 8.93 -7.56
N ALA A 132 6.92 7.80 -7.43
CA ALA A 132 6.93 6.69 -8.38
C ALA A 132 5.52 6.08 -8.52
N LEU A 133 4.79 5.94 -7.38
CA LEU A 133 3.46 5.38 -7.31
C LEU A 133 2.43 6.21 -8.06
N LEU A 134 2.44 7.55 -7.84
CA LEU A 134 1.53 8.49 -8.48
C LEU A 134 1.79 8.54 -9.99
N LEU A 135 3.07 8.47 -10.38
CA LEU A 135 3.50 8.42 -11.78
C LEU A 135 3.02 7.11 -12.43
N ALA A 136 3.13 5.97 -11.69
CA ALA A 136 2.72 4.64 -12.16
C ALA A 136 1.22 4.59 -12.36
N LEU A 137 0.44 5.20 -11.43
CA LEU A 137 -1.02 5.31 -11.51
C LEU A 137 -1.42 6.26 -12.63
N ALA A 138 -0.62 7.33 -12.85
CA ALA A 138 -0.83 8.29 -13.94
C ALA A 138 -0.62 7.59 -15.28
N ILE A 139 0.46 6.79 -15.41
CA ILE A 139 0.79 6.04 -16.62
C ILE A 139 -0.31 5.02 -16.94
N LEU A 140 -0.62 4.09 -16.02
CA LEU A 140 -1.65 3.08 -16.21
C LEU A 140 -2.97 3.71 -16.62
N GLY A 141 -3.36 4.77 -15.90
CA GLY A 141 -4.59 5.51 -16.16
C GLY A 141 -4.61 6.22 -17.50
N GLY A 142 -3.54 6.96 -17.78
CA GLY A 142 -3.35 7.75 -19.00
C GLY A 142 -3.37 6.95 -20.28
N LEU A 143 -2.68 5.79 -20.29
CA LEU A 143 -2.62 4.90 -21.46
C LEU A 143 -3.93 4.09 -21.60
N SER A 144 -4.89 4.28 -20.66
CA SER A 144 -6.20 3.60 -20.54
C SER A 144 -6.05 2.08 -20.32
N LYS A 145 -4.87 1.69 -19.78
CA LYS A 145 -4.49 0.31 -19.49
C LYS A 145 -5.10 -0.24 -18.18
N LEU A 146 -5.89 0.58 -17.47
CA LEU A 146 -6.52 0.20 -16.21
C LEU A 146 -7.82 -0.63 -16.39
N HIS A 147 -8.12 -1.05 -17.64
CA HIS A 147 -9.29 -1.89 -17.97
C HIS A 147 -9.05 -3.35 -17.52
N CYS A 148 -7.85 -3.91 -17.83
CA CYS A 148 -7.41 -5.28 -17.50
C CYS A 148 -7.50 -5.60 -16.01
N THR A 149 -7.87 -6.85 -15.68
CA THR A 149 -8.01 -7.35 -14.30
C THR A 149 -6.67 -7.25 -13.57
N ALA A 150 -5.55 -7.57 -14.25
CA ALA A 150 -4.22 -7.48 -13.64
C ALA A 150 -3.88 -6.04 -13.20
N ASN A 151 -4.05 -5.07 -14.12
CA ASN A 151 -3.78 -3.64 -13.89
C ASN A 151 -4.68 -3.00 -12.87
N ALA A 152 -5.95 -3.46 -12.80
CA ALA A 152 -6.92 -2.99 -11.82
C ALA A 152 -6.43 -3.38 -10.43
N ILE A 153 -5.90 -4.63 -10.26
CA ILE A 153 -5.32 -5.13 -9.01
C ILE A 153 -4.10 -4.28 -8.61
N HIS A 154 -3.15 -4.09 -9.57
CA HIS A 154 -1.95 -3.29 -9.38
C HIS A 154 -2.27 -1.88 -8.93
N ALA A 155 -3.24 -1.22 -9.60
CA ALA A 155 -3.65 0.14 -9.28
C ALA A 155 -4.15 0.26 -7.83
N ASN A 156 -4.95 -0.75 -7.38
CA ASN A 156 -5.48 -0.81 -6.02
C ASN A 156 -4.37 -1.14 -5.01
N LEU A 157 -3.33 -1.90 -5.44
CA LEU A 157 -2.17 -2.20 -4.60
C LEU A 157 -1.40 -0.90 -4.44
N PHE A 158 -1.23 -0.13 -5.55
CA PHE A 158 -0.55 1.16 -5.60
C PHE A 158 -1.29 2.14 -4.69
N ALA A 159 -2.62 2.18 -4.79
CA ALA A 159 -3.47 3.04 -3.97
C ALA A 159 -3.22 2.85 -2.44
N SER A 160 -3.04 1.57 -1.99
CA SER A 160 -2.77 1.22 -0.60
C SER A 160 -1.39 1.68 -0.16
N PHE A 161 -0.39 1.56 -1.06
CA PHE A 161 0.95 2.03 -0.77
C PHE A 161 1.00 3.56 -0.79
N VAL A 162 0.11 4.23 -1.56
CA VAL A 162 -0.04 5.70 -1.61
C VAL A 162 -0.58 6.15 -0.24
N LEU A 163 -1.72 5.56 0.21
CA LEU A 163 -2.39 5.82 1.48
C LEU A 163 -1.45 5.69 2.69
N LYS A 164 -0.70 4.57 2.79
CA LYS A 164 0.24 4.31 3.88
C LYS A 164 1.32 5.39 3.92
N ALA A 165 2.09 5.51 2.81
CA ALA A 165 3.20 6.47 2.69
C ALA A 165 2.76 7.91 2.94
N SER A 166 1.67 8.36 2.26
CA SER A 166 1.12 9.72 2.40
C SER A 166 0.61 10.03 3.83
N SER A 167 -0.02 9.05 4.51
CA SER A 167 -0.48 9.30 5.89
C SER A 167 0.67 9.38 6.92
N VAL A 168 1.85 8.80 6.61
CA VAL A 168 3.01 8.88 7.51
C VAL A 168 3.54 10.31 7.47
N LEU A 169 3.64 10.89 6.24
CA LEU A 169 4.11 12.26 6.02
C LEU A 169 3.16 13.29 6.67
N VAL A 170 1.83 13.04 6.57
CA VAL A 170 0.81 13.90 7.18
C VAL A 170 0.97 13.90 8.71
N ILE A 171 1.18 12.71 9.33
CA ILE A 171 1.37 12.59 10.78
C ILE A 171 2.60 13.37 11.25
N ASP A 172 3.77 13.17 10.59
CA ASP A 172 5.01 13.89 10.95
C ASP A 172 4.89 15.40 10.75
N GLY A 173 4.12 15.78 9.72
CA GLY A 173 3.79 17.16 9.38
C GLY A 173 2.94 17.85 10.42
N LEU A 174 1.88 17.17 10.90
CA LEU A 174 0.97 17.67 11.96
C LEU A 174 1.69 17.76 13.31
N LEU A 175 2.65 16.83 13.56
CA LEU A 175 3.41 16.80 14.81
C LEU A 175 4.35 17.98 14.92
N ARG A 176 4.88 18.47 13.77
CA ARG A 176 5.75 19.66 13.70
C ARG A 176 4.84 20.84 14.03
N THR A 177 3.75 21.00 13.24
CA THR A 177 2.72 22.04 13.38
C THR A 177 2.23 22.22 14.82
N ARG A 178 1.99 21.11 15.55
CA ARG A 178 1.51 21.14 16.92
C ARG A 178 2.58 21.48 17.96
N TYR A 179 3.73 20.79 17.91
CA TYR A 179 4.79 20.98 18.89
C TYR A 179 5.71 22.17 18.59
N SER A 180 5.56 22.83 17.42
CA SER A 180 6.31 24.04 17.07
C SER A 180 5.71 25.25 17.78
N GLN A 181 4.44 25.13 18.21
CA GLN A 181 3.70 26.15 18.95
C GLN A 181 4.37 26.44 20.30
N LYS A 182 4.29 27.69 20.72
CA LYS A 182 4.85 28.27 21.95
C LYS A 182 3.86 28.23 23.13
N ILE A 183 4.38 28.03 24.35
CA ILE A 183 3.59 28.03 25.59
C ILE A 183 3.30 29.52 25.89
N GLY A 184 2.23 30.04 25.31
CA GLY A 184 1.83 31.44 25.46
C GLY A 184 1.55 31.82 26.89
N ASP A 185 0.38 31.41 27.38
CA ASP A 185 -0.11 31.62 28.74
C ASP A 185 -0.77 30.29 29.16
N ASP A 186 -1.56 30.28 30.26
CA ASP A 186 -2.28 29.09 30.71
C ASP A 186 -3.49 28.88 29.81
N LEU A 187 -3.99 29.99 29.22
CA LEU A 187 -5.12 30.03 28.30
C LEU A 187 -4.72 29.35 27.00
N SER A 188 -3.49 29.64 26.53
CA SER A 188 -2.88 29.07 25.32
C SER A 188 -2.70 27.56 25.45
N VAL A 189 -2.29 27.10 26.65
CA VAL A 189 -2.11 25.67 26.99
C VAL A 189 -3.47 24.99 27.03
N SER A 190 -4.46 25.62 27.69
CA SER A 190 -5.84 25.11 27.78
C SER A 190 -6.46 24.96 26.39
N THR A 191 -6.23 25.95 25.50
CA THR A 191 -6.71 25.91 24.12
C THR A 191 -5.96 24.82 23.34
N TRP A 192 -4.62 24.69 23.57
CA TRP A 192 -3.73 23.72 22.92
C TRP A 192 -4.13 22.27 23.17
N LEU A 193 -4.32 21.90 24.45
CA LEU A 193 -4.69 20.54 24.86
C LEU A 193 -6.14 20.20 24.44
N SER A 194 -7.12 20.88 25.07
CA SER A 194 -8.57 20.67 24.89
C SER A 194 -9.06 20.97 23.46
N ASP A 195 -9.12 22.26 23.06
CA ASP A 195 -9.59 22.65 21.73
C ASP A 195 -8.44 22.60 20.68
N GLY A 196 -7.87 21.41 20.52
CA GLY A 196 -6.77 21.17 19.59
C GLY A 196 -7.12 20.25 18.43
N ALA A 197 -6.24 20.26 17.41
CA ALA A 197 -6.33 19.43 16.20
C ALA A 197 -5.57 18.11 16.42
N VAL A 198 -5.68 17.59 17.66
CA VAL A 198 -5.12 16.30 18.13
C VAL A 198 -5.91 15.18 17.45
N ALA A 199 -7.14 15.52 16.99
CA ALA A 199 -8.06 14.67 16.26
C ALA A 199 -7.48 14.32 14.90
N GLY A 200 -6.98 15.33 14.16
CA GLY A 200 -6.35 15.18 12.85
C GLY A 200 -5.21 14.19 12.84
N CYS A 201 -4.34 14.28 13.89
CA CYS A 201 -3.20 13.41 14.19
C CYS A 201 -3.72 11.96 14.17
N ARG A 202 -4.80 11.70 14.94
CA ARG A 202 -5.44 10.41 15.14
C ARG A 202 -6.26 9.92 13.94
N VAL A 203 -6.87 10.82 13.15
CA VAL A 203 -7.63 10.46 11.94
C VAL A 203 -6.63 9.90 10.96
N ALA A 204 -5.48 10.61 10.79
CA ALA A 204 -4.37 10.25 9.93
C ALA A 204 -3.71 8.93 10.37
N ALA A 205 -3.68 8.65 11.69
CA ALA A 205 -3.13 7.41 12.25
C ALA A 205 -3.95 6.22 11.84
N VAL A 206 -5.31 6.37 11.78
CA VAL A 206 -6.27 5.34 11.37
C VAL A 206 -6.04 4.99 9.88
N PHE A 207 -5.75 6.00 9.05
CA PHE A 207 -5.46 5.83 7.62
C PHE A 207 -4.17 5.07 7.43
N MET A 208 -3.18 5.30 8.30
CA MET A 208 -1.89 4.60 8.28
C MET A 208 -2.10 3.13 8.64
N GLN A 209 -2.82 2.85 9.77
CA GLN A 209 -3.14 1.51 10.24
C GLN A 209 -3.87 0.72 9.20
N TYR A 210 -4.82 1.35 8.52
CA TYR A 210 -5.58 0.77 7.42
C TYR A 210 -4.67 0.53 6.20
N GLY A 211 -3.78 1.51 5.95
CA GLY A 211 -2.79 1.45 4.88
C GLY A 211 -1.95 0.22 5.01
N ILE A 212 -1.37 0.02 6.23
CA ILE A 212 -0.52 -1.11 6.64
C ILE A 212 -1.20 -2.48 6.39
N VAL A 213 -2.45 -2.66 6.88
CA VAL A 213 -3.16 -3.93 6.73
C VAL A 213 -3.58 -4.15 5.25
N ALA A 214 -4.09 -3.08 4.56
CA ALA A 214 -4.51 -3.15 3.15
C ALA A 214 -3.34 -3.49 2.26
N ASN A 215 -2.11 -3.14 2.67
CA ASN A 215 -0.91 -3.49 1.92
C ASN A 215 -0.78 -5.00 1.91
N TYR A 216 -0.95 -5.63 3.10
CA TYR A 216 -0.90 -7.08 3.30
C TYR A 216 -1.95 -7.86 2.50
N CYS A 217 -3.19 -7.31 2.45
CA CYS A 217 -4.33 -7.88 1.74
C CYS A 217 -4.18 -7.74 0.23
N TRP A 218 -3.74 -6.57 -0.27
CA TRP A 218 -3.58 -6.36 -1.72
C TRP A 218 -2.41 -7.16 -2.30
N LEU A 219 -1.47 -7.58 -1.44
CA LEU A 219 -0.36 -8.43 -1.84
C LEU A 219 -0.81 -9.89 -1.84
N LEU A 220 -1.82 -10.21 -1.02
CA LEU A 220 -2.38 -11.55 -0.98
C LEU A 220 -3.20 -11.77 -2.26
N VAL A 221 -3.93 -10.73 -2.71
CA VAL A 221 -4.74 -10.84 -3.94
C VAL A 221 -3.83 -10.94 -5.18
N GLU A 222 -2.57 -10.44 -5.08
CA GLU A 222 -1.59 -10.55 -6.17
C GLU A 222 -1.18 -12.02 -6.31
N GLY A 223 -0.94 -12.66 -5.16
CA GLY A 223 -0.59 -14.07 -5.06
C GLY A 223 -1.77 -14.95 -5.46
N LEU A 224 -3.00 -14.51 -5.11
CA LEU A 224 -4.24 -15.20 -5.42
C LEU A 224 -4.56 -15.15 -6.91
N TYR A 225 -4.43 -13.95 -7.52
CA TYR A 225 -4.69 -13.72 -8.94
C TYR A 225 -3.72 -14.53 -9.80
N LEU A 226 -2.45 -14.62 -9.37
CA LEU A 226 -1.39 -15.36 -10.05
C LEU A 226 -1.63 -16.85 -9.91
N HIS A 227 -2.02 -17.32 -8.70
CA HIS A 227 -2.31 -18.73 -8.45
C HIS A 227 -3.46 -19.16 -9.36
N ASN A 228 -4.40 -18.23 -9.61
CA ASN A 228 -5.55 -18.40 -10.47
C ASN A 228 -5.08 -18.54 -11.92
N LEU A 229 -4.43 -17.48 -12.48
CA LEU A 229 -3.91 -17.46 -13.84
C LEU A 229 -3.14 -18.68 -14.25
N LEU A 230 -2.22 -19.13 -13.40
CA LEU A 230 -1.37 -20.29 -13.66
C LEU A 230 -2.15 -21.61 -13.76
N GLY A 231 -3.13 -21.80 -12.87
CA GLY A 231 -3.98 -22.99 -12.87
C GLY A 231 -4.88 -22.98 -14.10
N LEU A 232 -5.56 -21.84 -14.30
CA LEU A 232 -6.48 -21.54 -15.40
C LEU A 232 -5.64 -21.30 -16.67
N ALA A 233 -5.08 -22.39 -17.22
CA ALA A 233 -4.20 -22.32 -18.40
C ALA A 233 -4.96 -22.19 -19.73
N THR A 234 -5.40 -20.94 -20.05
CA THR A 234 -6.15 -20.61 -21.26
C THR A 234 -5.24 -20.63 -22.48
N ASN A 235 -5.68 -21.33 -23.53
CA ASN A 235 -5.00 -21.47 -24.81
C ASN A 235 -5.98 -21.23 -25.96
N ILE A 236 -5.49 -21.34 -27.22
CA ILE A 236 -6.25 -21.20 -28.47
C ILE A 236 -7.46 -22.15 -28.50
N PHE A 237 -7.28 -23.41 -28.02
CA PHE A 237 -8.34 -24.41 -27.94
C PHE A 237 -9.46 -23.96 -26.99
N GLU A 238 -9.07 -23.37 -25.85
CA GLU A 238 -9.99 -22.89 -24.82
C GLU A 238 -10.84 -21.73 -25.28
N MET A 239 -10.26 -20.77 -26.02
CA MET A 239 -11.00 -19.61 -26.51
C MET A 239 -12.04 -20.02 -27.57
N LEU A 240 -11.74 -21.05 -28.37
CA LEU A 240 -12.64 -21.52 -29.41
C LEU A 240 -13.68 -22.53 -28.90
N ARG A 241 -13.43 -23.11 -27.70
CA ARG A 241 -14.36 -24.02 -27.01
C ARG A 241 -15.49 -23.14 -26.43
N ILE A 242 -15.20 -21.84 -26.26
CA ILE A 242 -16.11 -20.81 -25.77
C ILE A 242 -16.78 -20.15 -26.97
N ASP A 243 -15.97 -19.61 -27.91
CA ASP A 243 -16.44 -18.91 -29.10
C ASP A 243 -17.30 -19.76 -30.05
N GLU A 244 -16.85 -20.99 -30.35
CA GLU A 244 -17.56 -21.89 -31.27
C GLU A 244 -18.31 -23.04 -30.56
N GLY A 245 -17.66 -23.64 -29.57
CA GLY A 245 -18.22 -24.74 -28.80
C GLY A 245 -17.72 -26.11 -29.23
N LEU A 246 -17.40 -26.97 -28.24
CA LEU A 246 -16.93 -28.34 -28.46
C LEU A 246 -18.12 -29.31 -28.59
N ARG A 247 -18.04 -30.22 -29.58
CA ARG A 247 -19.07 -31.24 -29.85
C ARG A 247 -18.45 -32.63 -30.01
N LEU A 248 -18.47 -33.40 -28.91
CA LEU A 248 -17.90 -34.75 -28.77
C LEU A 248 -18.50 -35.79 -29.73
N LYS A 249 -19.83 -35.73 -29.95
CA LYS A 249 -20.57 -36.64 -30.84
C LYS A 249 -20.44 -36.22 -32.32
N ILE A 250 -20.96 -37.04 -33.25
CA ILE A 250 -20.92 -36.74 -34.68
C ILE A 250 -22.09 -35.83 -35.09
N TYR A 251 -21.77 -34.54 -35.31
CA TYR A 251 -22.71 -33.48 -35.70
C TYR A 251 -22.66 -33.22 -37.22
N LYS A 252 -23.58 -32.37 -37.71
CA LYS A 252 -23.67 -31.99 -39.12
C LYS A 252 -23.45 -30.48 -39.26
N ASP A 253 -22.51 -30.08 -40.14
CA ASP A 253 -22.17 -28.69 -40.43
C ASP A 253 -23.30 -27.98 -41.18
N THR A 254 -23.28 -26.62 -41.19
CA THR A 254 -24.27 -25.76 -41.85
C THR A 254 -24.47 -26.09 -43.35
N GLU A 255 -23.38 -26.50 -44.04
CA GLU A 255 -23.37 -26.86 -45.46
C GLU A 255 -23.96 -28.27 -45.74
N GLY A 256 -24.13 -29.08 -44.70
CA GLY A 256 -24.68 -30.43 -44.79
C GLY A 256 -23.75 -31.55 -44.34
N TYR A 257 -22.46 -31.43 -44.70
CA TYR A 257 -21.40 -32.39 -44.40
C TYR A 257 -21.19 -32.68 -42.90
N TYR A 258 -20.62 -33.85 -42.55
CA TYR A 258 -20.37 -34.26 -41.17
C TYR A 258 -19.14 -33.57 -40.56
N THR A 259 -19.30 -32.96 -39.35
CA THR A 259 -18.23 -32.24 -38.64
C THR A 259 -18.28 -32.43 -37.11
N ILE A 260 -17.14 -32.84 -36.51
CA ILE A 260 -16.99 -33.08 -35.06
C ILE A 260 -16.09 -32.01 -34.38
N GLY A 261 -16.25 -31.87 -33.06
CA GLY A 261 -15.48 -30.93 -32.23
C GLY A 261 -15.64 -29.47 -32.61
N ILE A 262 -14.53 -28.82 -32.98
CA ILE A 262 -14.51 -27.41 -33.38
C ILE A 262 -14.45 -27.29 -34.93
N GLY A 263 -15.55 -27.68 -35.58
CA GLY A 263 -15.73 -27.64 -37.03
C GLY A 263 -14.75 -28.45 -37.88
N HIS A 264 -14.32 -29.63 -37.38
CA HIS A 264 -13.40 -30.52 -38.09
C HIS A 264 -14.15 -31.40 -39.09
N LEU A 265 -13.96 -31.14 -40.40
CA LEU A 265 -14.61 -31.90 -41.48
C LEU A 265 -14.00 -33.29 -41.65
N LEU A 266 -14.87 -34.30 -41.82
CA LEU A 266 -14.49 -35.70 -42.00
C LEU A 266 -14.69 -36.11 -43.47
N THR A 267 -15.84 -35.73 -44.05
CA THR A 267 -16.22 -35.97 -45.46
C THR A 267 -17.27 -34.96 -45.88
N LYS A 268 -17.09 -34.35 -47.06
CA LYS A 268 -18.01 -33.35 -47.63
C LYS A 268 -19.32 -34.00 -48.13
N SER A 269 -19.26 -35.30 -48.50
CA SER A 269 -20.37 -36.13 -49.00
C SER A 269 -21.44 -36.35 -47.91
N PRO A 270 -22.68 -36.71 -48.32
CA PRO A 270 -23.75 -36.91 -47.32
C PRO A 270 -23.79 -38.31 -46.70
N SER A 271 -22.75 -39.13 -46.95
CA SER A 271 -22.62 -40.49 -46.42
C SER A 271 -22.09 -40.48 -44.98
N LEU A 272 -23.02 -40.56 -44.00
CA LEU A 272 -22.68 -40.55 -42.57
C LEU A 272 -22.10 -41.88 -42.07
N ASN A 273 -22.36 -42.98 -42.80
CA ASN A 273 -21.86 -44.32 -42.49
C ASN A 273 -20.35 -44.39 -42.80
N ALA A 274 -19.93 -43.81 -43.95
CA ALA A 274 -18.54 -43.75 -44.41
C ALA A 274 -17.71 -42.81 -43.55
N ALA A 275 -18.35 -41.76 -42.97
CA ALA A 275 -17.75 -40.75 -42.10
C ALA A 275 -17.16 -41.36 -40.82
N LYS A 276 -17.79 -42.44 -40.32
CA LYS A 276 -17.35 -43.18 -39.13
C LYS A 276 -15.99 -43.83 -39.36
N SER A 277 -15.79 -44.43 -40.55
CA SER A 277 -14.54 -45.08 -40.97
C SER A 277 -13.42 -44.07 -41.24
N GLU A 278 -13.78 -42.80 -41.54
CA GLU A 278 -12.85 -41.70 -41.79
C GLU A 278 -12.30 -41.14 -40.48
N LEU A 279 -13.14 -41.10 -39.42
CA LEU A 279 -12.80 -40.61 -38.09
C LEU A 279 -11.82 -41.54 -37.38
N ASP A 280 -11.90 -42.86 -37.68
CA ASP A 280 -11.03 -43.90 -37.12
C ASP A 280 -9.58 -43.79 -37.60
N LYS A 281 -9.38 -43.22 -38.79
CA LYS A 281 -8.07 -43.02 -39.41
C LYS A 281 -7.17 -42.03 -38.64
N ALA A 282 -7.76 -40.97 -38.06
CA ALA A 282 -7.08 -39.92 -37.32
C ALA A 282 -6.41 -40.38 -36.01
N ILE A 283 -7.20 -40.92 -35.07
CA ILE A 283 -6.71 -41.38 -33.76
C ILE A 283 -6.06 -42.77 -33.81
N GLY A 284 -6.48 -43.60 -34.77
CA GLY A 284 -5.95 -44.95 -34.97
C GLY A 284 -6.74 -46.09 -34.36
N ARG A 285 -7.96 -45.79 -33.84
CA ARG A 285 -8.86 -46.78 -33.23
C ARG A 285 -10.33 -46.43 -33.44
N ASN A 286 -11.21 -47.46 -33.37
CA ASN A 286 -12.66 -47.31 -33.51
C ASN A 286 -13.24 -46.54 -32.32
N THR A 287 -14.18 -45.61 -32.59
CA THR A 287 -14.80 -44.78 -31.56
C THR A 287 -16.33 -44.70 -31.71
N ASN A 288 -16.91 -45.40 -32.72
CA ASN A 288 -18.34 -45.48 -33.06
C ASN A 288 -18.96 -44.14 -33.53
N GLY A 289 -18.38 -43.02 -33.12
CA GLY A 289 -18.81 -41.68 -33.48
C GLY A 289 -18.64 -40.62 -32.41
N VAL A 290 -17.91 -40.95 -31.31
CA VAL A 290 -17.69 -40.02 -30.20
C VAL A 290 -16.20 -40.03 -29.73
N ILE A 291 -15.64 -38.83 -29.53
CA ILE A 291 -14.26 -38.60 -29.07
C ILE A 291 -14.24 -37.75 -27.79
N THR A 292 -13.27 -38.01 -26.89
CA THR A 292 -13.10 -37.29 -25.61
C THR A 292 -12.45 -35.89 -25.82
N LYS A 293 -12.23 -35.14 -24.71
CA LYS A 293 -11.62 -33.80 -24.74
C LYS A 293 -10.16 -33.84 -25.21
N ASP A 294 -9.36 -34.79 -24.69
CA ASP A 294 -7.95 -34.96 -25.04
C ASP A 294 -7.74 -35.37 -26.51
N GLU A 295 -8.72 -36.11 -27.08
CA GLU A 295 -8.70 -36.54 -28.49
C GLU A 295 -9.07 -35.38 -29.41
N ALA A 296 -10.04 -34.54 -28.98
CA ALA A 296 -10.53 -33.37 -29.72
C ALA A 296 -9.49 -32.23 -29.80
N GLU A 297 -8.78 -31.93 -28.69
CA GLU A 297 -7.76 -30.87 -28.66
C GLU A 297 -6.48 -31.27 -29.40
N LYS A 298 -6.19 -32.59 -29.52
CA LYS A 298 -5.04 -33.13 -30.25
C LYS A 298 -5.31 -33.03 -31.77
N LEU A 299 -6.61 -33.16 -32.15
CA LEU A 299 -7.14 -33.07 -33.51
C LEU A 299 -7.35 -31.61 -33.93
N PHE A 300 -7.69 -30.73 -32.96
CA PHE A 300 -7.88 -29.29 -33.17
C PHE A 300 -6.52 -28.66 -33.45
N ASN A 301 -5.46 -29.14 -32.79
CA ASN A 301 -4.08 -28.66 -32.95
C ASN A 301 -3.54 -28.88 -34.37
N GLN A 302 -4.27 -29.66 -35.19
CA GLN A 302 -3.97 -29.93 -36.60
C GLN A 302 -4.63 -28.82 -37.42
N ASP A 303 -5.86 -28.41 -37.04
CA ASP A 303 -6.64 -27.34 -37.68
C ASP A 303 -5.92 -25.99 -37.57
N VAL A 304 -5.35 -25.68 -36.39
CA VAL A 304 -4.59 -24.44 -36.16
C VAL A 304 -3.29 -24.48 -36.96
N ASP A 305 -2.61 -25.65 -36.98
CA ASP A 305 -1.38 -25.86 -37.76
C ASP A 305 -1.65 -25.72 -39.26
N ALA A 306 -2.89 -26.06 -39.70
CA ALA A 306 -3.35 -25.95 -41.09
C ALA A 306 -3.77 -24.51 -41.42
N ALA A 307 -4.39 -23.80 -40.45
CA ALA A 307 -4.81 -22.41 -40.62
C ALA A 307 -3.62 -21.44 -40.60
N VAL A 308 -2.60 -21.72 -39.75
CA VAL A 308 -1.37 -20.93 -39.64
C VAL A 308 -0.63 -20.99 -40.98
N ARG A 309 -0.52 -22.22 -41.56
CA ARG A 309 0.11 -22.48 -42.87
C ARG A 309 -0.47 -21.56 -43.95
N GLY A 310 -1.80 -21.48 -44.02
CA GLY A 310 -2.54 -20.64 -44.96
C GLY A 310 -2.30 -19.17 -44.79
N ILE A 311 -2.26 -18.69 -43.53
CA ILE A 311 -2.03 -17.28 -43.17
C ILE A 311 -0.64 -16.82 -43.65
N LEU A 312 0.37 -17.71 -43.50
CA LEU A 312 1.74 -17.48 -43.94
C LEU A 312 1.85 -17.48 -45.47
N ARG A 313 1.00 -18.28 -46.15
CA ARG A 313 0.93 -18.34 -47.63
C ARG A 313 0.21 -17.09 -48.18
N ASN A 314 -0.57 -16.39 -47.32
CA ASN A 314 -1.33 -15.19 -47.68
C ASN A 314 -0.48 -13.93 -47.51
N ALA A 315 -0.27 -13.20 -48.62
CA ALA A 315 0.53 -11.96 -48.70
C ALA A 315 0.01 -10.81 -47.84
N LYS A 316 -1.32 -10.75 -47.59
CA LYS A 316 -1.96 -9.71 -46.79
C LYS A 316 -1.93 -10.01 -45.28
N LEU A 317 -2.04 -11.31 -44.90
CA LEU A 317 -2.07 -11.75 -43.51
C LEU A 317 -0.71 -12.02 -42.89
N LYS A 318 0.28 -12.53 -43.66
CA LYS A 318 1.63 -12.82 -43.16
C LYS A 318 2.37 -11.61 -42.53
N PRO A 319 2.29 -10.35 -43.05
CA PRO A 319 3.01 -9.25 -42.39
C PRO A 319 2.51 -8.95 -40.98
N VAL A 320 1.17 -8.98 -40.79
CA VAL A 320 0.51 -8.72 -39.52
C VAL A 320 0.72 -9.90 -38.57
N TYR A 321 0.59 -11.16 -39.06
CA TYR A 321 0.75 -12.37 -38.26
C TYR A 321 2.09 -12.44 -37.55
N ASP A 322 3.17 -12.13 -38.27
CA ASP A 322 4.51 -12.17 -37.71
C ASP A 322 4.75 -11.08 -36.66
N SER A 323 4.11 -9.90 -36.83
CA SER A 323 4.22 -8.78 -35.89
C SER A 323 3.21 -8.88 -34.71
N LEU A 324 2.89 -10.12 -34.29
CA LEU A 324 1.98 -10.38 -33.18
C LEU A 324 2.57 -11.37 -32.19
N ASP A 325 2.13 -11.28 -30.93
CA ASP A 325 2.49 -12.19 -29.84
C ASP A 325 1.58 -13.43 -29.94
N ALA A 326 1.90 -14.51 -29.21
CA ALA A 326 1.14 -15.77 -29.23
C ALA A 326 -0.37 -15.62 -28.91
N VAL A 327 -0.73 -14.62 -28.09
CA VAL A 327 -2.11 -14.34 -27.68
C VAL A 327 -2.87 -13.61 -28.79
N ARG A 328 -2.29 -12.56 -29.38
CA ARG A 328 -2.94 -11.80 -30.45
C ARG A 328 -3.01 -12.60 -31.75
N ARG A 329 -2.08 -13.58 -31.92
CA ARG A 329 -2.06 -14.49 -33.05
C ARG A 329 -3.27 -15.39 -32.96
N ALA A 330 -3.59 -15.84 -31.73
CA ALA A 330 -4.77 -16.66 -31.43
C ALA A 330 -6.06 -15.94 -31.81
N ALA A 331 -6.14 -14.62 -31.58
CA ALA A 331 -7.30 -13.79 -31.90
C ALA A 331 -7.45 -13.64 -33.41
N LEU A 332 -6.33 -13.62 -34.15
CA LEU A 332 -6.31 -13.55 -35.63
C LEU A 332 -6.76 -14.89 -36.20
N ILE A 333 -6.12 -16.02 -35.77
CA ILE A 333 -6.45 -17.40 -36.12
C ILE A 333 -7.92 -17.68 -35.77
N ASN A 334 -8.44 -17.05 -34.70
CA ASN A 334 -9.83 -17.19 -34.29
C ASN A 334 -10.74 -16.55 -35.32
N MET A 335 -10.44 -15.32 -35.78
CA MET A 335 -11.35 -14.70 -36.74
C MET A 335 -11.18 -15.28 -38.17
N VAL A 336 -10.03 -15.96 -38.48
CA VAL A 336 -9.88 -16.66 -39.77
C VAL A 336 -10.76 -17.94 -39.71
N PHE A 337 -11.12 -18.38 -38.49
CA PHE A 337 -11.98 -19.54 -38.31
C PHE A 337 -13.44 -19.19 -38.59
N GLN A 338 -13.92 -18.00 -38.15
CA GLN A 338 -15.30 -17.57 -38.39
C GLN A 338 -15.49 -16.88 -39.76
N MET A 339 -14.58 -15.96 -40.14
CA MET A 339 -14.65 -15.17 -41.38
C MET A 339 -14.10 -15.90 -42.61
N GLY A 340 -13.06 -16.70 -42.40
CA GLY A 340 -12.32 -17.35 -43.48
C GLY A 340 -11.06 -16.55 -43.73
N GLU A 341 -10.15 -17.07 -44.58
CA GLU A 341 -8.87 -16.41 -44.87
C GLU A 341 -9.03 -15.12 -45.69
N THR A 342 -9.87 -15.19 -46.73
CA THR A 342 -10.17 -14.08 -47.64
C THR A 342 -11.00 -12.99 -46.95
N GLY A 343 -11.80 -13.40 -45.97
CA GLY A 343 -12.66 -12.52 -45.19
C GLY A 343 -11.90 -11.57 -44.29
N VAL A 344 -10.96 -12.12 -43.49
CA VAL A 344 -10.10 -11.35 -42.56
C VAL A 344 -9.15 -10.42 -43.32
N ALA A 345 -8.75 -10.80 -44.56
CA ALA A 345 -7.88 -10.02 -45.43
C ALA A 345 -8.55 -8.71 -45.86
N GLY A 346 -9.88 -8.63 -45.67
CA GLY A 346 -10.70 -7.47 -45.97
C GLY A 346 -10.55 -6.34 -44.98
N PHE A 347 -10.09 -6.67 -43.75
CA PHE A 347 -9.87 -5.72 -42.64
C PHE A 347 -8.56 -4.89 -42.80
N THR A 348 -8.14 -4.65 -44.06
CA THR A 348 -6.93 -3.94 -44.49
C THR A 348 -6.49 -2.83 -43.52
N ASN A 349 -7.37 -1.82 -43.27
CA ASN A 349 -7.08 -0.69 -42.39
C ASN A 349 -6.79 -1.10 -40.94
N SER A 350 -7.65 -1.96 -40.36
CA SER A 350 -7.53 -2.49 -39.01
C SER A 350 -6.26 -3.34 -38.87
N LEU A 351 -5.96 -4.21 -39.85
CA LEU A 351 -4.78 -5.07 -39.86
C LEU A 351 -3.49 -4.25 -39.93
N ARG A 352 -3.51 -3.12 -40.66
CA ARG A 352 -2.38 -2.21 -40.80
C ARG A 352 -1.98 -1.66 -39.43
N MET A 353 -2.97 -1.10 -38.68
CA MET A 353 -2.73 -0.52 -37.35
C MET A 353 -2.46 -1.58 -36.29
N LEU A 354 -2.92 -2.82 -36.53
CA LEU A 354 -2.68 -3.97 -35.66
C LEU A 354 -1.22 -4.41 -35.82
N GLN A 355 -0.65 -4.16 -37.02
CA GLN A 355 0.75 -4.43 -37.34
C GLN A 355 1.61 -3.29 -36.75
N GLN A 356 1.09 -2.05 -36.82
CA GLN A 356 1.69 -0.81 -36.31
C GLN A 356 1.61 -0.75 -34.75
N LYS A 357 1.10 -1.83 -34.13
CA LYS A 357 0.94 -2.02 -32.67
C LYS A 357 0.00 -0.98 -32.03
N ARG A 358 -0.80 -0.26 -32.86
CA ARG A 358 -1.74 0.77 -32.40
C ARG A 358 -3.07 0.14 -31.86
N TRP A 359 -2.95 -0.85 -30.93
CA TRP A 359 -4.03 -1.65 -30.31
C TRP A 359 -5.30 -0.90 -29.93
N ASP A 360 -5.18 0.35 -29.49
CA ASP A 360 -6.34 1.15 -29.09
C ASP A 360 -7.24 1.51 -30.27
N GLU A 361 -6.69 2.21 -31.29
CA GLU A 361 -7.46 2.60 -32.48
C GLU A 361 -7.81 1.41 -33.38
N ALA A 362 -7.01 0.32 -33.30
CA ALA A 362 -7.28 -0.91 -34.04
C ALA A 362 -8.56 -1.53 -33.52
N ALA A 363 -8.73 -1.53 -32.18
CA ALA A 363 -9.92 -2.05 -31.48
C ALA A 363 -11.17 -1.18 -31.72
N VAL A 364 -11.00 0.15 -31.99
CA VAL A 364 -12.12 1.05 -32.24
C VAL A 364 -12.73 0.81 -33.62
N ASN A 365 -11.90 0.69 -34.69
CA ASN A 365 -12.40 0.48 -36.04
C ASN A 365 -12.75 -1.00 -36.32
N LEU A 366 -12.23 -1.95 -35.49
CA LEU A 366 -12.58 -3.37 -35.61
C LEU A 366 -14.02 -3.56 -35.13
N ALA A 367 -14.47 -2.66 -34.23
CA ALA A 367 -15.82 -2.60 -33.66
C ALA A 367 -16.76 -1.81 -34.59
N LYS A 368 -16.17 -1.00 -35.50
CA LYS A 368 -16.89 -0.22 -36.51
C LYS A 368 -17.20 -1.09 -37.75
N SER A 369 -16.69 -2.35 -37.75
CA SER A 369 -16.86 -3.33 -38.82
C SER A 369 -18.24 -3.98 -38.82
N ARG A 370 -18.61 -4.52 -40.00
CA ARG A 370 -19.87 -5.25 -40.25
C ARG A 370 -19.87 -6.56 -39.46
N TRP A 371 -18.66 -7.12 -39.20
CA TRP A 371 -18.41 -8.34 -38.43
C TRP A 371 -18.83 -8.17 -36.96
N TYR A 372 -18.62 -6.97 -36.39
CA TYR A 372 -19.00 -6.65 -35.00
C TYR A 372 -20.51 -6.70 -34.85
N ASN A 373 -21.27 -6.15 -35.82
CA ASN A 373 -22.73 -6.14 -35.82
C ASN A 373 -23.35 -7.54 -35.88
N GLN A 374 -22.83 -8.40 -36.78
CA GLN A 374 -23.29 -9.78 -36.96
C GLN A 374 -23.12 -10.61 -35.67
N THR A 375 -21.91 -10.64 -35.09
CA THR A 375 -21.61 -11.33 -33.83
C THR A 375 -20.93 -10.34 -32.88
N PRO A 376 -21.68 -9.60 -32.03
CA PRO A 376 -21.01 -8.62 -31.13
C PRO A 376 -20.34 -9.28 -29.94
N ASN A 377 -20.91 -10.42 -29.47
CA ASN A 377 -20.47 -11.25 -28.36
C ASN A 377 -19.03 -11.78 -28.57
N ARG A 378 -18.81 -12.54 -29.67
CA ARG A 378 -17.53 -13.11 -30.06
C ARG A 378 -16.53 -12.02 -30.44
N ALA A 379 -17.01 -10.93 -31.09
CA ALA A 379 -16.19 -9.81 -31.51
C ALA A 379 -15.60 -9.05 -30.32
N LYS A 380 -16.41 -8.80 -29.27
CA LYS A 380 -16.00 -8.11 -28.04
C LYS A 380 -14.77 -8.78 -27.43
N ARG A 381 -14.80 -10.13 -27.31
CA ARG A 381 -13.71 -10.96 -26.77
C ARG A 381 -12.43 -10.87 -27.59
N VAL A 382 -12.49 -11.11 -28.93
CA VAL A 382 -11.29 -11.04 -29.79
C VAL A 382 -10.77 -9.60 -29.91
N ILE A 383 -11.67 -8.59 -29.89
CA ILE A 383 -11.28 -7.17 -29.93
C ILE A 383 -10.53 -6.82 -28.62
N THR A 384 -10.94 -7.42 -27.48
CA THR A 384 -10.28 -7.24 -26.18
C THR A 384 -8.90 -7.90 -26.20
N THR A 385 -8.81 -9.12 -26.80
CA THR A 385 -7.56 -9.87 -26.91
C THR A 385 -6.52 -9.10 -27.70
N PHE A 386 -6.96 -8.35 -28.73
CA PHE A 386 -6.07 -7.53 -29.56
C PHE A 386 -5.66 -6.24 -28.82
N ARG A 387 -6.57 -5.70 -28.02
CA ARG A 387 -6.37 -4.48 -27.24
C ARG A 387 -5.43 -4.71 -26.06
N THR A 388 -5.55 -5.87 -25.40
CA THR A 388 -4.84 -6.19 -24.16
C THR A 388 -3.72 -7.26 -24.27
N GLY A 389 -3.75 -8.09 -25.30
CA GLY A 389 -2.74 -9.15 -25.47
C GLY A 389 -2.78 -10.22 -24.39
N THR A 390 -3.96 -10.38 -23.75
CA THR A 390 -4.22 -11.35 -22.67
C THR A 390 -5.53 -12.10 -22.88
N TRP A 391 -5.61 -13.31 -22.30
CA TRP A 391 -6.79 -14.18 -22.32
C TRP A 391 -7.84 -13.79 -21.26
N ASP A 392 -7.73 -12.56 -20.72
CA ASP A 392 -8.62 -11.98 -19.69
C ASP A 392 -10.10 -12.02 -20.07
N ALA A 393 -10.41 -11.85 -21.37
CA ALA A 393 -11.78 -11.87 -21.92
C ALA A 393 -12.39 -13.28 -21.91
N TYR A 394 -11.54 -14.31 -21.82
CA TYR A 394 -11.90 -15.74 -21.83
C TYR A 394 -11.73 -16.42 -20.48
N GLU A 395 -11.50 -15.63 -19.42
CA GLU A 395 -11.30 -16.11 -18.06
C GLU A 395 -12.31 -15.46 -17.10
N ARG A 396 -12.82 -16.27 -16.14
CA ARG A 396 -13.76 -15.78 -15.11
C ARG A 396 -12.99 -15.00 -14.08
N SER A 397 -13.41 -13.73 -13.85
CA SER A 397 -12.73 -12.86 -12.89
C SER A 397 -13.32 -12.94 -11.49
N PHE A 398 -12.45 -12.86 -10.50
CA PHE A 398 -12.78 -12.88 -9.09
C PHE A 398 -12.51 -11.47 -8.53
N PHE A 399 -12.49 -10.44 -9.42
CA PHE A 399 -12.13 -9.07 -9.05
C PHE A 399 -12.98 -8.49 -7.92
N SER A 400 -14.29 -8.78 -7.92
CA SER A 400 -15.21 -8.34 -6.87
C SER A 400 -14.75 -8.93 -5.52
N LEU A 401 -14.33 -10.23 -5.51
CA LEU A 401 -13.79 -10.88 -4.31
C LEU A 401 -12.51 -10.14 -3.89
N TYR A 402 -11.60 -9.88 -4.85
CA TYR A 402 -10.31 -9.22 -4.59
C TYR A 402 -10.45 -7.84 -3.91
N LEU A 403 -11.52 -7.07 -4.22
CA LEU A 403 -11.77 -5.77 -3.57
C LEU A 403 -12.21 -6.02 -2.13
N GLY A 404 -13.03 -7.05 -1.94
CA GLY A 404 -13.50 -7.47 -0.63
C GLY A 404 -12.35 -7.92 0.24
N ILE A 405 -11.38 -8.68 -0.32
CA ILE A 405 -10.19 -9.15 0.41
C ILE A 405 -9.28 -7.95 0.71
N GLY A 406 -8.96 -7.20 -0.34
CA GLY A 406 -8.05 -6.06 -0.27
C GLY A 406 -8.48 -4.91 0.59
N TRP A 407 -9.75 -4.49 0.47
CA TRP A 407 -10.23 -3.36 1.25
C TRP A 407 -11.27 -3.71 2.29
N GLY A 408 -12.00 -4.80 2.08
CA GLY A 408 -12.99 -5.25 3.05
C GLY A 408 -12.30 -5.81 4.28
N ALA A 409 -11.44 -6.81 4.12
CA ALA A 409 -10.73 -7.41 5.24
C ALA A 409 -10.02 -6.41 6.20
N PRO A 410 -9.24 -5.35 5.79
CA PRO A 410 -8.65 -4.44 6.81
C PRO A 410 -9.71 -3.62 7.55
N MET A 411 -10.84 -3.38 6.89
CA MET A 411 -12.00 -2.67 7.43
C MET A 411 -12.52 -3.36 8.70
N LEU A 412 -12.54 -4.71 8.68
CA LEU A 412 -13.02 -5.56 9.77
C LEU A 412 -12.21 -5.41 11.03
N PHE A 413 -10.95 -4.93 10.92
CA PHE A 413 -10.04 -4.86 12.08
C PHE A 413 -9.58 -3.45 12.47
N VAL A 414 -9.45 -2.54 11.49
CA VAL A 414 -9.03 -1.17 11.74
C VAL A 414 -10.14 -0.37 12.46
N VAL A 415 -11.41 -0.40 11.98
CA VAL A 415 -12.47 0.38 12.66
C VAL A 415 -12.73 -0.18 14.11
N PRO A 416 -12.80 -1.52 14.40
CA PRO A 416 -12.92 -1.96 15.81
C PRO A 416 -11.77 -1.46 16.67
N TRP A 417 -10.52 -1.45 16.10
CA TRP A 417 -9.29 -0.97 16.75
C TRP A 417 -9.45 0.53 17.07
N ALA A 418 -9.88 1.32 16.07
CA ALA A 418 -10.11 2.76 16.16
C ALA A 418 -11.17 3.14 17.22
N VAL A 419 -12.07 2.20 17.59
CA VAL A 419 -13.10 2.37 18.61
C VAL A 419 -12.48 2.12 19.99
N VAL A 420 -11.67 1.06 20.13
CA VAL A 420 -10.91 0.65 21.32
C VAL A 420 -9.99 1.79 21.68
N LYS A 421 -9.29 2.30 20.66
CA LYS A 421 -8.33 3.37 20.74
C LYS A 421 -9.03 4.64 21.24
N CYS A 422 -10.19 4.95 20.67
CA CYS A 422 -10.99 6.12 21.01
C CYS A 422 -11.46 6.14 22.47
N LEU A 423 -11.78 4.96 23.03
CA LEU A 423 -12.30 4.83 24.39
C LEU A 423 -11.27 4.57 25.46
N PHE A 424 -10.49 3.51 25.27
CA PHE A 424 -9.57 3.00 26.27
C PHE A 424 -8.09 3.38 26.13
N GLU A 425 -7.63 3.86 24.96
CA GLU A 425 -6.23 4.22 24.75
C GLU A 425 -6.06 5.49 23.90
N ASN A 426 -6.82 6.55 24.23
CA ASN A 426 -6.81 7.81 23.50
C ASN A 426 -5.58 8.66 23.89
N VAL A 427 -4.37 8.19 23.49
CA VAL A 427 -3.10 8.82 23.82
C VAL A 427 -2.25 9.14 22.55
N GLN A 428 -1.70 10.37 22.54
CA GLN A 428 -0.86 11.03 21.53
C GLN A 428 -1.38 10.93 20.08
N CYS A 429 -0.79 10.04 19.24
CA CYS A 429 -1.20 9.99 17.85
C CYS A 429 -1.75 8.63 17.40
N TRP A 430 -1.80 7.62 18.31
CA TRP A 430 -2.36 6.27 18.08
C TRP A 430 -1.52 5.32 17.18
N THR A 431 -0.36 5.78 16.67
CA THR A 431 0.52 5.02 15.76
C THR A 431 1.15 3.75 16.39
N SER A 432 1.16 3.63 17.75
CA SER A 432 1.68 2.49 18.55
C SER A 432 1.22 1.15 17.92
N ASN A 433 2.17 0.29 17.48
CA ASN A 433 1.88 -0.95 16.74
C ASN A 433 2.11 -2.29 17.47
N ASP A 434 3.15 -2.41 18.33
CA ASP A 434 3.51 -3.65 19.02
C ASP A 434 3.40 -3.59 20.54
N ASN A 435 3.02 -4.74 21.17
CA ASN A 435 2.84 -4.99 22.62
C ASN A 435 2.26 -3.77 23.37
N MET A 436 1.11 -3.30 22.85
CA MET A 436 0.35 -2.17 23.37
C MET A 436 -0.96 -2.64 24.03
N GLY A 437 -1.04 -3.94 24.30
CA GLY A 437 -2.20 -4.57 24.90
C GLY A 437 -3.11 -5.23 23.88
N PHE A 438 -3.82 -4.41 23.09
CA PHE A 438 -4.73 -4.90 22.05
C PHE A 438 -4.20 -4.58 20.65
N TRP A 439 -2.86 -4.68 20.53
CA TRP A 439 -2.06 -4.49 19.33
C TRP A 439 -2.49 -5.52 18.27
N TRP A 440 -2.80 -6.75 18.74
CA TRP A 440 -3.17 -7.95 17.99
C TRP A 440 -4.42 -7.81 17.15
N ILE A 441 -5.26 -6.78 17.43
CA ILE A 441 -6.47 -6.51 16.65
C ILE A 441 -6.04 -6.24 15.20
N LEU A 442 -4.96 -5.44 15.02
CA LEU A 442 -4.37 -5.06 13.72
C LEU A 442 -3.32 -6.06 13.25
N ARG A 443 -2.69 -6.82 14.17
CA ARG A 443 -1.66 -7.79 13.81
C ARG A 443 -2.26 -9.09 13.33
N PHE A 444 -3.43 -9.51 13.88
CA PHE A 444 -4.09 -10.73 13.44
C PHE A 444 -4.34 -10.78 11.92
N PRO A 445 -5.06 -9.79 11.30
CA PRO A 445 -5.25 -9.85 9.84
C PRO A 445 -3.95 -9.91 9.05
N VAL A 446 -2.86 -9.25 9.52
CA VAL A 446 -1.60 -9.28 8.78
C VAL A 446 -0.92 -10.65 8.95
N PHE A 447 -0.98 -11.26 10.14
CA PHE A 447 -0.42 -12.59 10.40
C PHE A 447 -1.13 -13.62 9.49
N LEU A 448 -2.47 -13.52 9.42
CA LEU A 448 -3.32 -14.38 8.61
C LEU A 448 -3.02 -14.23 7.10
N ALA A 449 -2.75 -13.00 6.65
CA ALA A 449 -2.42 -12.72 5.25
C ALA A 449 -1.05 -13.23 4.91
N ILE A 450 -0.02 -13.07 5.80
CA ILE A 450 1.33 -13.60 5.51
C ILE A 450 1.29 -15.13 5.48
N LEU A 451 0.51 -15.74 6.41
CA LEU A 451 0.33 -17.19 6.46
C LEU A 451 -0.36 -17.72 5.21
N ILE A 452 -1.47 -17.09 4.77
CA ILE A 452 -2.18 -17.47 3.54
C ILE A 452 -1.26 -17.27 2.34
N ASN A 453 -0.64 -16.06 2.23
CA ASN A 453 0.30 -15.73 1.15
C ASN A 453 1.52 -16.63 1.09
N PHE A 454 1.89 -17.26 2.23
CA PHE A 454 3.00 -18.19 2.24
C PHE A 454 2.62 -19.47 1.53
N PHE A 455 1.47 -20.08 1.90
CA PHE A 455 1.00 -21.32 1.31
C PHE A 455 0.69 -21.22 -0.18
N ILE A 456 0.14 -20.08 -0.64
CA ILE A 456 -0.15 -19.90 -2.07
C ILE A 456 1.14 -19.71 -2.84
N PHE A 457 2.17 -19.06 -2.24
CA PHE A 457 3.48 -18.88 -2.88
C PHE A 457 4.08 -20.24 -3.26
N VAL A 458 4.10 -21.16 -2.28
CA VAL A 458 4.60 -22.52 -2.44
C VAL A 458 3.82 -23.22 -3.55
N ARG A 459 2.48 -23.15 -3.49
CA ARG A 459 1.61 -23.72 -4.52
C ARG A 459 1.95 -23.14 -5.90
N ILE A 460 2.16 -21.81 -6.00
CA ILE A 460 2.52 -21.10 -7.24
C ILE A 460 3.84 -21.63 -7.77
N VAL A 461 4.92 -21.64 -6.93
CA VAL A 461 6.24 -22.10 -7.35
C VAL A 461 6.22 -23.60 -7.72
N GLN A 462 5.38 -24.43 -7.04
CA GLN A 462 5.21 -25.85 -7.33
C GLN A 462 4.61 -26.07 -8.72
N LEU A 463 3.61 -25.23 -9.04
CA LEU A 463 2.86 -25.27 -10.29
C LEU A 463 3.60 -24.52 -11.42
N LEU A 464 4.48 -23.57 -11.08
CA LEU A 464 5.28 -22.87 -12.08
C LEU A 464 6.43 -23.77 -12.54
N VAL A 465 7.14 -24.41 -11.58
CA VAL A 465 8.25 -25.35 -11.84
C VAL A 465 7.75 -26.49 -12.74
N ALA A 466 6.59 -27.08 -12.39
CA ALA A 466 5.94 -28.14 -13.17
C ALA A 466 5.59 -27.68 -14.59
N LYS A 467 4.93 -26.50 -14.73
CA LYS A 467 4.54 -25.92 -16.03
C LYS A 467 5.75 -25.52 -16.88
N LEU A 468 6.87 -25.15 -16.22
CA LEU A 468 8.10 -24.79 -16.93
C LEU A 468 8.81 -26.06 -17.41
N ARG A 469 8.88 -27.11 -16.54
CA ARG A 469 9.48 -28.42 -16.85
C ARG A 469 8.72 -29.12 -17.98
N ALA A 470 7.40 -28.85 -18.11
CA ALA A 470 6.52 -29.41 -19.12
C ALA A 470 6.48 -28.58 -20.42
N ARG A 471 7.35 -27.54 -20.53
CA ARG A 471 7.45 -26.61 -21.66
C ARG A 471 6.10 -25.95 -22.03
N GLN A 472 5.14 -25.99 -21.08
CA GLN A 472 3.79 -25.45 -21.15
C GLN A 472 3.80 -23.91 -21.18
N MET A 473 4.68 -23.30 -20.38
CA MET A 473 4.84 -21.84 -20.26
C MET A 473 6.18 -21.38 -20.85
N HIS A 474 6.12 -20.50 -21.87
CA HIS A 474 7.31 -19.92 -22.50
C HIS A 474 7.62 -18.59 -21.83
N HIS A 475 8.92 -18.26 -21.70
CA HIS A 475 9.46 -17.04 -21.08
C HIS A 475 8.91 -15.71 -21.67
N THR A 476 8.10 -15.80 -22.74
CA THR A 476 7.49 -14.65 -23.42
C THR A 476 6.02 -14.46 -23.04
N ASP A 477 5.31 -15.54 -22.61
CA ASP A 477 3.89 -15.45 -22.21
C ASP A 477 3.75 -14.45 -21.07
N TYR A 478 2.76 -13.53 -21.17
CA TYR A 478 2.48 -12.47 -20.20
C TYR A 478 2.38 -12.99 -18.76
N LYS A 479 1.88 -14.23 -18.62
CA LYS A 479 1.71 -14.94 -17.37
C LYS A 479 3.06 -15.19 -16.69
N PHE A 480 4.12 -15.46 -17.47
CA PHE A 480 5.48 -15.65 -16.99
C PHE A 480 6.03 -14.30 -16.47
N ARG A 481 5.88 -13.24 -17.31
CA ARG A 481 6.31 -11.89 -17.01
C ARG A 481 5.62 -11.38 -15.72
N LEU A 482 4.30 -11.62 -15.58
CA LEU A 482 3.57 -11.26 -14.35
C LEU A 482 4.10 -12.10 -13.18
N ALA A 483 4.25 -13.44 -13.38
CA ALA A 483 4.78 -14.40 -12.41
C ALA A 483 6.12 -13.97 -11.86
N LYS A 484 7.00 -13.43 -12.76
CA LYS A 484 8.32 -12.93 -12.40
C LYS A 484 8.24 -11.80 -11.36
N SER A 485 7.60 -10.65 -11.70
CA SER A 485 7.47 -9.50 -10.78
C SER A 485 6.73 -9.85 -9.48
N THR A 486 5.75 -10.78 -9.51
CA THR A 486 5.03 -11.19 -8.30
C THR A 486 5.91 -12.09 -7.44
N LEU A 487 6.60 -13.06 -8.06
CA LEU A 487 7.46 -13.98 -7.31
C LEU A 487 8.80 -13.39 -6.87
N THR A 488 9.05 -12.09 -7.12
CA THR A 488 10.25 -11.38 -6.64
C THR A 488 9.81 -10.53 -5.45
N LEU A 489 8.66 -9.84 -5.60
CA LEU A 489 8.05 -8.95 -4.62
C LEU A 489 7.70 -9.69 -3.34
N ILE A 490 7.05 -10.87 -3.45
CA ILE A 490 6.68 -11.65 -2.28
C ILE A 490 7.98 -12.05 -1.49
N PRO A 491 9.03 -12.73 -2.06
CA PRO A 491 10.22 -12.98 -1.24
C PRO A 491 11.00 -11.73 -0.87
N LEU A 492 10.84 -10.62 -1.62
CA LEU A 492 11.51 -9.35 -1.30
C LEU A 492 10.94 -8.80 0.01
N LEU A 493 9.62 -8.78 0.13
CA LEU A 493 8.95 -8.31 1.33
C LEU A 493 8.99 -9.36 2.45
N GLY A 494 8.91 -10.64 2.08
CA GLY A 494 8.95 -11.77 3.00
C GLY A 494 10.21 -11.81 3.83
N VAL A 495 11.38 -11.76 3.16
CA VAL A 495 12.71 -11.77 3.79
C VAL A 495 12.87 -10.58 4.73
N HIS A 496 12.38 -9.40 4.33
CA HIS A 496 12.44 -8.16 5.12
C HIS A 496 11.84 -8.40 6.51
N GLU A 497 10.64 -9.04 6.56
CA GLU A 497 9.92 -9.38 7.79
C GLU A 497 10.77 -10.28 8.68
N VAL A 498 11.25 -11.40 8.11
CA VAL A 498 12.09 -12.38 8.79
C VAL A 498 13.36 -11.73 9.39
N VAL A 499 14.14 -11.02 8.55
CA VAL A 499 15.40 -10.35 8.95
C VAL A 499 15.18 -9.34 10.06
N PHE A 500 14.27 -8.38 9.85
CA PHE A 500 14.01 -7.31 10.81
C PHE A 500 13.30 -7.78 12.10
N ALA A 501 12.96 -9.08 12.19
CA ALA A 501 12.38 -9.67 13.39
C ALA A 501 13.49 -9.92 14.40
N PHE A 502 14.73 -10.14 13.89
CA PHE A 502 15.93 -10.37 14.69
C PHE A 502 16.70 -9.08 14.89
N VAL A 503 16.71 -8.21 13.85
CA VAL A 503 17.37 -6.90 13.88
C VAL A 503 16.70 -6.01 14.93
N THR A 504 15.35 -5.92 14.90
CA THR A 504 14.59 -5.09 15.83
C THR A 504 14.23 -5.86 17.14
N ASP A 505 15.16 -6.70 17.62
CA ASP A 505 14.98 -7.45 18.86
C ASP A 505 15.44 -6.61 20.05
N GLU A 506 15.90 -5.36 19.79
CA GLU A 506 16.35 -4.43 20.83
C GLU A 506 15.14 -3.75 21.47
N HIS A 507 14.83 -4.21 22.69
CA HIS A 507 13.73 -3.83 23.57
C HIS A 507 14.10 -2.64 24.48
N ALA A 508 15.40 -2.53 24.86
CA ALA A 508 15.92 -1.50 25.74
C ALA A 508 15.95 -0.12 25.07
N GLN A 509 15.22 0.85 25.66
CA GLN A 509 15.09 2.23 25.16
C GLN A 509 16.44 2.95 25.09
N GLY A 510 16.72 3.54 23.93
CA GLY A 510 17.95 4.28 23.70
C GLY A 510 18.05 4.88 22.32
N THR A 511 19.30 5.05 21.85
CA THR A 511 19.61 5.56 20.51
C THR A 511 19.89 4.35 19.62
N LEU A 512 20.39 3.25 20.24
CA LEU A 512 20.65 1.98 19.55
C LEU A 512 19.30 1.41 19.09
N ARG A 513 18.32 1.41 20.01
CA ARG A 513 16.98 0.95 19.74
C ARG A 513 16.34 1.79 18.63
N SER A 514 16.48 3.14 18.72
CA SER A 514 15.95 4.09 17.75
C SER A 514 16.51 3.92 16.36
N ALA A 515 17.84 3.73 16.24
CA ALA A 515 18.52 3.50 14.96
C ALA A 515 18.09 2.14 14.35
N LYS A 516 17.90 1.10 15.20
CA LYS A 516 17.46 -0.25 14.81
C LYS A 516 16.02 -0.22 14.30
N LEU A 517 15.20 0.64 14.92
CA LEU A 517 13.81 0.90 14.55
C LEU A 517 13.83 1.64 13.21
N PHE A 518 14.71 2.65 13.07
CA PHE A 518 14.89 3.44 11.85
C PHE A 518 15.34 2.57 10.67
N PHE A 519 16.29 1.64 10.91
CA PHE A 519 16.83 0.71 9.92
C PHE A 519 15.70 -0.07 9.21
N ASP A 520 14.75 -0.61 10.01
CA ASP A 520 13.58 -1.34 9.52
C ASP A 520 12.69 -0.45 8.66
N LEU A 521 12.18 0.64 9.25
CA LEU A 521 11.25 1.56 8.59
C LEU A 521 11.84 2.28 7.37
N PHE A 522 13.17 2.57 7.39
CA PHE A 522 13.85 3.25 6.30
C PHE A 522 13.85 2.37 5.08
N LEU A 523 14.32 1.11 5.24
CA LEU A 523 14.37 0.16 4.14
C LEU A 523 12.98 -0.19 3.61
N SER A 524 11.96 -0.13 4.46
CA SER A 524 10.60 -0.38 4.04
C SER A 524 9.94 0.87 3.39
N SER A 525 10.54 2.08 3.53
CA SER A 525 9.97 3.30 2.94
C SER A 525 9.96 3.27 1.41
N PHE A 526 10.94 2.54 0.80
CA PHE A 526 11.08 2.39 -0.66
C PHE A 526 10.09 1.40 -1.28
N GLN A 527 9.31 0.66 -0.47
CA GLN A 527 8.34 -0.35 -0.94
C GLN A 527 7.40 0.11 -2.05
N GLY A 528 6.98 1.38 -2.02
CA GLY A 528 6.11 1.96 -3.04
C GLY A 528 6.78 2.00 -4.39
N LEU A 529 8.08 2.34 -4.38
CA LEU A 529 8.93 2.40 -5.55
C LEU A 529 9.12 0.97 -6.10
N LEU A 530 9.23 -0.03 -5.20
CA LEU A 530 9.36 -1.44 -5.58
C LEU A 530 8.14 -1.91 -6.38
N VAL A 531 6.91 -1.71 -5.83
CA VAL A 531 5.67 -2.12 -6.48
C VAL A 531 5.43 -1.34 -7.78
N ALA A 532 5.83 -0.04 -7.80
CA ALA A 532 5.73 0.84 -8.97
C ALA A 532 6.57 0.30 -10.12
N VAL A 533 7.87 -0.02 -9.90
CA VAL A 533 8.74 -0.53 -10.96
C VAL A 533 8.29 -1.91 -11.42
N LEU A 534 8.05 -2.84 -10.48
CA LEU A 534 7.66 -4.21 -10.78
C LEU A 534 6.35 -4.36 -11.57
N TYR A 535 5.33 -3.53 -11.25
CA TYR A 535 4.01 -3.64 -11.90
C TYR A 535 3.68 -2.58 -12.95
N CYS A 536 4.57 -1.59 -13.15
CA CYS A 536 4.31 -0.58 -14.16
C CYS A 536 5.53 -0.31 -15.02
N PHE A 537 6.60 0.26 -14.42
CA PHE A 537 7.81 0.68 -15.12
C PHE A 537 8.59 -0.44 -15.82
N LEU A 538 8.54 -1.68 -15.31
CA LEU A 538 9.23 -2.80 -15.94
C LEU A 538 8.33 -3.57 -16.90
N ASN A 539 7.02 -3.21 -16.96
CA ASN A 539 6.04 -3.83 -17.86
C ASN A 539 6.40 -3.45 -19.29
N LYS A 540 6.74 -4.50 -20.09
CA LYS A 540 7.13 -4.40 -21.48
C LYS A 540 6.08 -3.71 -22.34
N GLU A 541 4.79 -4.06 -22.14
CA GLU A 541 3.65 -3.47 -22.83
C GLU A 541 3.49 -1.97 -22.50
N VAL A 542 3.70 -1.58 -21.23
CA VAL A 542 3.65 -0.19 -20.79
C VAL A 542 4.84 0.56 -21.39
N GLN A 543 6.03 -0.06 -21.35
CA GLN A 543 7.27 0.49 -21.90
C GLN A 543 7.16 0.72 -23.40
N SER A 544 6.44 -0.18 -24.11
CA SER A 544 6.22 -0.12 -25.56
C SER A 544 5.27 1.00 -25.95
N GLU A 545 4.12 1.10 -25.26
CA GLU A 545 3.08 2.11 -25.49
C GLU A 545 3.64 3.52 -25.28
N LEU A 546 4.46 3.70 -24.22
CA LEU A 546 5.10 4.96 -23.89
C LEU A 546 6.14 5.32 -24.92
N ARG A 547 6.91 4.32 -25.41
CA ARG A 547 7.93 4.50 -26.45
C ARG A 547 7.27 4.97 -27.75
N ARG A 548 6.13 4.36 -28.14
CA ARG A 548 5.35 4.69 -29.32
C ARG A 548 4.69 6.06 -29.23
N ARG A 549 4.08 6.39 -28.07
CA ARG A 549 3.43 7.69 -27.84
C ARG A 549 4.44 8.84 -27.76
N TRP A 550 5.73 8.51 -27.58
CA TRP A 550 6.80 9.50 -27.52
C TRP A 550 7.29 9.81 -28.93
N HIS A 551 7.34 8.79 -29.81
CA HIS A 551 7.74 8.94 -31.21
C HIS A 551 6.71 9.69 -32.03
N ARG A 552 5.42 9.68 -31.60
CA ARG A 552 4.34 10.43 -32.24
C ARG A 552 4.43 11.91 -31.81
N TRP A 553 5.09 12.17 -30.66
CA TRP A 553 5.35 13.50 -30.11
C TRP A 553 6.61 14.09 -30.76
N ARG A 554 7.62 13.22 -31.03
CA ARG A 554 8.88 13.58 -31.68
C ARG A 554 8.69 14.04 -33.13
N LEU A 555 7.61 13.58 -33.79
CA LEU A 555 7.24 13.94 -35.15
C LEU A 555 6.33 15.19 -35.14
N GLY A 556 5.50 15.31 -34.10
CA GLY A 556 4.53 16.39 -33.93
C GLY A 556 5.11 17.78 -33.75
N LYS A 557 5.61 18.09 -32.54
CA LYS A 557 6.14 19.41 -32.18
C LYS A 557 7.56 19.72 -32.73
N VAL A 558 8.24 18.75 -33.39
CA VAL A 558 9.58 18.98 -33.96
C VAL A 558 9.51 19.22 -35.47
N LEU A 559 8.82 18.33 -36.23
CA LEU A 559 8.70 18.44 -37.68
C LEU A 559 7.64 19.45 -38.14
N TRP A 560 6.43 19.43 -37.53
CA TRP A 560 5.33 20.34 -37.88
C TRP A 560 5.45 21.71 -37.21
N GLU A 561 5.68 21.74 -35.88
CA GLU A 561 5.82 22.97 -35.09
C GLU A 561 7.26 23.15 -34.61
N SER B 1 8.25 -0.80 11.74
CA SER B 1 8.73 -0.06 12.90
C SER B 1 8.34 1.41 12.83
N GLN B 2 7.76 1.87 11.69
CA GLN B 2 7.32 3.25 11.45
C GLN B 2 6.46 3.79 12.60
N GLY B 3 5.34 3.12 12.86
CA GLY B 3 4.44 3.44 13.96
C GLY B 3 5.12 3.51 15.32
N THR B 4 6.06 2.59 15.60
CA THR B 4 6.85 2.49 16.84
C THR B 4 7.87 3.67 16.93
N PHE B 5 8.42 4.13 15.78
CA PHE B 5 9.36 5.25 15.75
C PHE B 5 8.52 6.50 16.00
N THR B 6 7.50 6.78 15.12
CA THR B 6 6.60 7.93 15.26
C THR B 6 6.06 8.02 16.67
N SER B 7 5.83 6.87 17.32
CA SER B 7 5.36 6.80 18.70
C SER B 7 6.35 7.41 19.69
N GLU B 8 7.58 6.83 19.76
CA GLU B 8 8.68 7.23 20.62
C GLU B 8 9.01 8.70 20.41
N TYR B 9 8.87 9.19 19.16
CA TYR B 9 9.09 10.57 18.78
C TYR B 9 8.07 11.49 19.38
N SER B 10 6.80 11.10 19.33
CA SER B 10 5.76 11.92 19.93
C SER B 10 5.82 11.87 21.48
N LYS B 11 6.20 10.69 22.05
CA LYS B 11 6.41 10.49 23.49
C LYS B 11 7.47 11.51 23.95
N TYR B 12 8.52 11.72 23.10
CA TYR B 12 9.62 12.65 23.30
C TYR B 12 9.16 14.11 23.21
N LEU B 13 8.48 14.50 22.10
CA LEU B 13 7.97 15.86 21.84
C LEU B 13 7.13 16.37 23.00
N ASP B 14 6.32 15.48 23.57
CA ASP B 14 5.43 15.70 24.70
C ASP B 14 6.23 15.95 25.99
N SER B 15 7.25 15.11 26.25
CA SER B 15 8.12 15.23 27.42
C SER B 15 8.97 16.50 27.34
N ARG B 16 9.40 16.84 26.11
CA ARG B 16 10.18 18.03 25.75
C ARG B 16 9.33 19.29 25.98
N ARG B 17 8.03 19.25 25.65
CA ARG B 17 7.10 20.37 25.84
C ARG B 17 6.77 20.54 27.32
N ALA B 18 6.61 19.40 28.03
CA ALA B 18 6.30 19.38 29.46
C ALA B 18 7.38 20.09 30.26
N GLN B 19 8.67 19.88 29.94
CA GLN B 19 9.75 20.56 30.63
C GLN B 19 9.85 22.03 30.23
N ASP B 20 9.42 22.37 29.01
CA ASP B 20 9.40 23.73 28.52
C ASP B 20 8.27 24.57 29.14
N PHE B 21 7.24 23.92 29.70
CA PHE B 21 6.14 24.59 30.41
C PHE B 21 6.66 24.96 31.79
N VAL B 22 7.61 24.16 32.33
CA VAL B 22 8.25 24.39 33.61
C VAL B 22 9.19 25.61 33.48
N LYS B 23 9.78 25.82 32.29
CA LYS B 23 10.62 27.00 32.01
C LYS B 23 9.76 28.26 32.03
N TRP B 24 8.51 28.14 31.59
CA TRP B 24 7.52 29.21 31.59
C TRP B 24 7.11 29.54 33.03
N LEU B 25 7.01 28.53 33.90
CA LEU B 25 6.63 28.72 35.31
C LEU B 25 7.74 29.39 36.12
N LEU B 26 8.99 29.16 35.69
CA LEU B 26 10.18 29.70 36.34
C LEU B 26 10.55 31.12 35.89
N ASN B 27 10.02 31.56 34.73
CA ASN B 27 10.33 32.88 34.17
C ASN B 27 9.22 33.93 34.35
N THR B 28 7.99 33.50 34.64
CA THR B 28 6.91 34.47 34.90
C THR B 28 6.29 34.19 36.28
#